data_7TY2
#
_entry.id   7TY2
#
_cell.length_a   48.693
_cell.length_b   75.740
_cell.length_c   75.923
_cell.angle_alpha   90.000
_cell.angle_beta   90.000
_cell.angle_gamma   90.000
#
_symmetry.space_group_name_H-M   'P 21 21 21'
#
loop_
_entity.id
_entity.type
_entity.pdbx_description
1 polymer 'Histone-lysine N-methyltransferase SETD2'
2 non-polymer 'ZINC ION'
3 non-polymer S-ADENOSYLMETHIONINE
4 non-polymer N-[(1R,3S)-3-(4-acetylpiperazin-1-yl)cyclohexyl]-4-fluoro-7-methyl-1H-indole-2-carboxamide
5 water water
#
_entity_poly.entity_id   1
_entity_poly.type   'polypeptide(L)'
_entity_poly.pdbx_seq_one_letter_code
;GETSVPPGSALVGPSCVMDDFRDPQRWKECAKQGKMPCYFDLIEENVYLTERKKNKSHRDIKRMQCECTPLSKDERAQGE
IACGEDCLNRLLMIECSSRCPNGDYCSNRRFQRKQHADVEVILTEKKGWGLRAAKDLPSNTFVLEYCGEVLDHKEFKARV
KEYARNKNIHYYFMALKNDEIIDATQKGNCSRFMNHSCEPNCETQKWTVNGQLRVGFFTTKLVPSGSELTFDYQFQRYGK
EAQKCFCGSANCRGYLGGENRVSIRAAGGKMKKERSRK
;
_entity_poly.pdbx_strand_id   A
#
# COMPACT_ATOMS: atom_id res chain seq x y z
N GLY A 13 7.74 2.73 21.23
CA GLY A 13 8.30 1.68 20.32
C GLY A 13 9.40 2.24 19.41
N PRO A 14 10.36 1.40 18.96
CA PRO A 14 11.37 1.86 18.00
C PRO A 14 10.64 2.28 16.73
N SER A 15 10.99 3.45 16.20
CA SER A 15 10.54 3.93 14.87
C SER A 15 11.70 3.73 13.89
N CYS A 16 11.44 3.83 12.59
CA CYS A 16 12.45 4.17 11.57
C CYS A 16 11.73 4.80 10.38
N VAL A 17 12.48 5.37 9.44
CA VAL A 17 11.95 6.15 8.28
C VAL A 17 12.21 5.34 7.01
N MET A 18 11.47 5.63 5.94
CA MET A 18 11.55 4.83 4.71
C MET A 18 12.99 4.86 4.15
N ASP A 19 13.74 5.96 4.31
CA ASP A 19 15.15 6.04 3.85
C ASP A 19 16.02 4.93 4.50
N ASP A 20 15.69 4.46 5.72
CA ASP A 20 16.51 3.44 6.44
C ASP A 20 16.55 2.11 5.69
N PHE A 21 15.55 1.83 4.85
CA PHE A 21 15.40 0.52 4.14
C PHE A 21 16.29 0.48 2.90
N ARG A 22 16.94 1.60 2.58
CA ARG A 22 17.78 1.75 1.37
C ARG A 22 19.15 1.09 1.60
N ASP A 23 19.69 1.11 2.82
CA ASP A 23 21.02 0.52 3.15
C ASP A 23 20.85 -0.88 3.75
N PRO A 24 20.95 -1.96 2.95
CA PRO A 24 20.67 -3.32 3.44
C PRO A 24 21.62 -3.76 4.58
N GLN A 25 22.89 -3.36 4.52
CA GLN A 25 23.92 -3.63 5.56
C GLN A 25 23.47 -3.04 6.90
N ARG A 26 23.28 -1.72 6.95
CA ARG A 26 22.77 -0.94 8.11
C ARG A 26 21.42 -1.50 8.59
N TRP A 27 20.59 -2.02 7.68
CA TRP A 27 19.24 -2.59 7.97
C TRP A 27 19.40 -3.95 8.67
N LYS A 28 20.18 -4.87 8.07
CA LYS A 28 20.39 -6.24 8.60
C LYS A 28 20.93 -6.18 10.03
N GLU A 29 21.81 -5.23 10.34
CA GLU A 29 22.39 -5.08 11.69
C GLU A 29 21.39 -4.31 12.58
N CYS A 30 20.66 -3.33 12.06
CA CYS A 30 19.54 -2.70 12.81
C CYS A 30 18.52 -3.77 13.22
N ALA A 31 18.25 -4.74 12.35
CA ALA A 31 17.23 -5.79 12.55
C ALA A 31 17.63 -6.67 13.73
N LYS A 32 18.91 -7.09 13.80
CA LYS A 32 19.47 -7.95 14.88
C LYS A 32 19.35 -7.27 16.26
N GLN A 33 19.30 -5.94 16.31
CA GLN A 33 19.06 -5.16 17.56
C GLN A 33 17.57 -4.80 17.66
N GLY A 34 16.73 -5.37 16.79
CA GLY A 34 15.28 -5.11 16.73
C GLY A 34 14.94 -3.63 16.73
N LYS A 35 15.76 -2.78 16.09
CA LYS A 35 15.45 -1.34 15.89
C LYS A 35 14.88 -1.13 14.49
N MET A 36 14.67 -2.24 13.75
CA MET A 36 14.12 -2.28 12.37
C MET A 36 13.45 -3.65 12.15
N PRO A 37 12.40 -3.73 11.32
CA PRO A 37 11.79 -5.00 10.94
C PRO A 37 12.73 -5.99 10.26
N CYS A 38 12.36 -7.26 10.28
CA CYS A 38 13.06 -8.35 9.58
C CYS A 38 13.32 -7.94 8.12
N TYR A 39 14.47 -8.36 7.59
CA TYR A 39 14.90 -8.06 6.21
C TYR A 39 13.88 -8.61 5.20
N PHE A 40 13.63 -7.86 4.12
CA PHE A 40 12.93 -8.30 2.89
C PHE A 40 13.53 -7.58 1.69
N ASP A 41 13.31 -8.12 0.49
CA ASP A 41 13.87 -7.59 -0.78
C ASP A 41 13.02 -6.40 -1.19
N LEU A 42 13.58 -5.19 -1.08
CA LEU A 42 12.88 -3.92 -1.41
C LEU A 42 12.76 -3.78 -2.93
N ILE A 43 11.57 -3.39 -3.43
CA ILE A 43 11.25 -3.20 -4.88
C ILE A 43 10.33 -1.99 -5.02
N GLU A 44 10.49 -1.22 -6.09
CA GLU A 44 9.76 0.06 -6.31
C GLU A 44 8.58 -0.20 -7.24
N GLU A 45 8.37 -1.47 -7.60
CA GLU A 45 7.46 -1.90 -8.70
C GLU A 45 7.14 -3.39 -8.56
N ASN A 46 5.96 -3.82 -9.03
CA ASN A 46 5.49 -5.22 -8.87
C ASN A 46 6.30 -6.14 -9.78
N VAL A 47 6.41 -7.40 -9.40
CA VAL A 47 7.13 -8.48 -10.14
C VAL A 47 6.13 -9.60 -10.45
N TYR A 48 5.81 -9.81 -11.72
CA TYR A 48 4.99 -10.96 -12.17
C TYR A 48 5.88 -12.21 -12.14
N LEU A 49 5.43 -13.22 -11.40
CA LEU A 49 6.13 -14.53 -11.26
C LEU A 49 6.08 -15.23 -12.63
N THR A 50 4.87 -15.37 -13.18
CA THR A 50 4.59 -15.78 -14.58
C THR A 50 4.27 -14.51 -15.38
N GLU A 51 5.05 -14.23 -16.43
CA GLU A 51 5.01 -12.97 -17.24
C GLU A 51 3.62 -12.74 -17.85
N ARG A 52 3.15 -11.48 -17.83
CA ARG A 52 1.87 -11.01 -18.40
C ARG A 52 1.97 -9.49 -18.64
N MET A 64 -6.60 6.52 -25.53
CA MET A 64 -5.23 6.59 -24.96
C MET A 64 -5.20 7.56 -23.76
N GLN A 65 -5.53 8.84 -24.00
CA GLN A 65 -5.26 9.98 -23.08
C GLN A 65 -6.53 10.80 -22.77
N CYS A 66 -6.44 11.70 -21.80
CA CYS A 66 -7.58 12.48 -21.26
C CYS A 66 -7.82 13.70 -22.14
N GLU A 67 -8.89 14.45 -21.84
CA GLU A 67 -9.34 15.64 -22.62
C GLU A 67 -9.31 16.87 -21.71
N CYS A 68 -8.52 16.84 -20.62
CA CYS A 68 -8.28 18.04 -19.78
C CYS A 68 -7.71 19.14 -20.68
N THR A 69 -8.09 20.39 -20.38
CA THR A 69 -7.65 21.59 -21.11
C THR A 69 -6.32 22.02 -20.53
N PRO A 70 -5.24 22.11 -21.35
CA PRO A 70 -3.94 22.55 -20.85
C PRO A 70 -4.09 23.85 -20.06
N LEU A 71 -3.94 23.81 -18.74
CA LEU A 71 -3.94 25.03 -17.89
C LEU A 71 -2.86 26.01 -18.41
N SER A 72 -3.13 27.31 -18.31
CA SER A 72 -2.13 28.40 -18.44
C SER A 72 -1.37 28.51 -17.11
N LYS A 73 -0.26 29.25 -17.09
CA LYS A 73 0.78 29.15 -16.03
C LYS A 73 0.47 30.08 -14.85
N ASP A 74 -0.40 31.08 -15.03
CA ASP A 74 -0.89 31.96 -13.95
C ASP A 74 -2.21 31.40 -13.38
N GLU A 75 -2.90 30.53 -14.14
CA GLU A 75 -3.97 29.63 -13.64
C GLU A 75 -3.38 28.67 -12.59
N ARG A 76 -2.10 28.32 -12.74
CA ARG A 76 -1.32 27.46 -11.81
C ARG A 76 -1.03 28.22 -10.51
N ALA A 77 -1.23 29.54 -10.47
CA ALA A 77 -1.04 30.42 -9.29
C ALA A 77 -2.27 31.34 -9.11
N GLU A 80 -5.77 26.46 -9.87
CA GLU A 80 -6.61 25.36 -10.43
C GLU A 80 -5.77 24.08 -10.53
N ILE A 81 -6.43 22.93 -10.43
CA ILE A 81 -5.81 21.56 -10.47
C ILE A 81 -5.74 21.11 -11.94
N ALA A 82 -4.54 20.77 -12.41
CA ALA A 82 -4.32 20.19 -13.75
C ALA A 82 -4.74 18.72 -13.69
N CYS A 83 -5.78 18.33 -14.43
CA CYS A 83 -6.28 16.93 -14.33
C CYS A 83 -6.81 16.67 -12.90
N GLY A 84 -7.92 17.30 -12.55
CA GLY A 84 -8.53 17.19 -11.21
C GLY A 84 -9.75 16.30 -11.27
N GLU A 85 -10.66 16.44 -10.31
CA GLU A 85 -11.99 15.76 -10.24
C GLU A 85 -12.54 15.35 -11.61
N ASP A 86 -12.53 16.23 -12.61
CA ASP A 86 -13.29 16.02 -13.88
C ASP A 86 -12.39 15.45 -14.98
N CYS A 87 -11.18 14.96 -14.66
CA CYS A 87 -10.26 14.30 -15.63
C CYS A 87 -10.83 12.93 -16.02
N LEU A 88 -10.95 12.66 -17.31
CA LEU A 88 -11.49 11.37 -17.84
C LEU A 88 -10.68 10.19 -17.28
N ASN A 89 -9.37 10.34 -17.15
CA ASN A 89 -8.50 9.25 -16.63
C ASN A 89 -8.73 9.10 -15.13
N ARG A 90 -8.73 10.22 -14.38
CA ARG A 90 -8.82 10.18 -12.90
C ARG A 90 -10.16 9.54 -12.50
N LEU A 91 -11.24 9.89 -13.20
CA LEU A 91 -12.61 9.34 -13.02
C LEU A 91 -12.61 7.82 -13.21
N LEU A 92 -11.80 7.26 -14.11
CA LEU A 92 -11.70 5.79 -14.29
C LEU A 92 -10.58 5.20 -13.44
N MET A 93 -10.02 5.99 -12.53
CA MET A 93 -8.88 5.55 -11.68
C MET A 93 -7.81 5.00 -12.63
N ILE A 94 -7.53 5.78 -13.67
CA ILE A 94 -6.40 5.61 -14.62
C ILE A 94 -5.44 6.78 -14.44
N GLU A 95 -4.14 6.51 -14.38
CA GLU A 95 -3.14 7.58 -14.33
C GLU A 95 -2.88 8.05 -15.77
N CYS A 96 -2.61 9.34 -15.95
CA CYS A 96 -2.07 9.88 -17.22
C CYS A 96 -0.62 9.38 -17.46
N SER A 97 -0.22 9.41 -18.72
CA SER A 97 1.18 9.13 -19.18
C SER A 97 1.86 10.48 -19.43
N SER A 98 3.15 10.45 -19.83
CA SER A 98 3.97 11.64 -20.21
C SER A 98 3.28 12.43 -21.34
N ARG A 99 2.40 11.77 -22.12
CA ARG A 99 1.73 12.39 -23.29
C ARG A 99 0.47 13.15 -22.88
N CYS A 100 0.21 13.32 -21.57
CA CYS A 100 -0.98 14.06 -21.03
C CYS A 100 -0.91 15.50 -21.51
N PRO A 101 -2.04 16.10 -21.97
CA PRO A 101 -2.05 17.49 -22.43
C PRO A 101 -1.60 18.51 -21.38
N ASN A 102 -1.49 18.12 -20.11
CA ASN A 102 -0.91 19.02 -19.07
C ASN A 102 0.58 18.72 -18.90
N GLY A 103 1.11 17.77 -19.68
CA GLY A 103 2.47 17.20 -19.52
C GLY A 103 2.94 17.23 -18.07
N ASP A 104 3.99 17.99 -17.77
CA ASP A 104 4.66 18.03 -16.44
C ASP A 104 3.64 18.34 -15.33
N TYR A 105 2.67 19.21 -15.58
CA TYR A 105 1.77 19.81 -14.56
C TYR A 105 0.67 18.83 -14.12
N CYS A 106 0.56 17.65 -14.75
CA CYS A 106 -0.50 16.64 -14.46
C CYS A 106 -0.37 16.20 -12.98
N SER A 107 -1.46 16.26 -12.22
CA SER A 107 -1.52 15.87 -10.78
C SER A 107 -2.01 14.43 -10.64
N ASN A 108 -2.12 13.69 -11.75
CA ASN A 108 -2.73 12.34 -11.85
C ASN A 108 -1.67 11.34 -12.32
N ARG A 109 -0.43 11.47 -11.85
CA ARG A 109 0.65 10.50 -12.17
C ARG A 109 1.33 10.05 -10.86
N ARG A 110 0.57 10.03 -9.78
CA ARG A 110 1.10 9.94 -8.40
C ARG A 110 1.86 8.63 -8.19
N PHE A 111 1.27 7.49 -8.55
CA PHE A 111 1.95 6.17 -8.47
C PHE A 111 3.29 6.27 -9.19
N GLN A 112 3.29 6.72 -10.44
CA GLN A 112 4.48 6.77 -11.31
C GLN A 112 5.56 7.65 -10.68
N ARG A 113 5.16 8.75 -10.04
CA ARG A 113 6.11 9.76 -9.51
C ARG A 113 6.42 9.48 -8.03
N LYS A 114 6.02 8.33 -7.50
CA LYS A 114 6.25 7.95 -6.08
C LYS A 114 5.97 9.17 -5.19
N GLN A 115 4.81 9.82 -5.38
CA GLN A 115 4.38 11.00 -4.59
C GLN A 115 3.79 10.50 -3.28
N HIS A 116 4.58 9.70 -2.55
CA HIS A 116 4.14 8.95 -1.34
C HIS A 116 4.01 9.95 -0.19
N ALA A 117 3.18 9.66 0.81
CA ALA A 117 3.06 10.48 2.03
C ALA A 117 4.28 10.26 2.95
N ASP A 118 4.50 11.18 3.89
CA ASP A 118 5.59 11.13 4.89
C ASP A 118 5.16 10.18 6.01
N VAL A 119 5.60 8.90 5.95
CA VAL A 119 5.18 7.82 6.88
C VAL A 119 6.42 7.17 7.49
N GLU A 120 6.35 6.84 8.78
CA GLU A 120 7.40 6.11 9.55
C GLU A 120 6.91 4.70 9.81
N VAL A 121 7.85 3.79 10.05
CA VAL A 121 7.62 2.36 10.41
C VAL A 121 7.90 2.21 11.92
N ILE A 122 6.97 1.57 12.65
CA ILE A 122 6.97 1.50 14.14
C ILE A 122 6.63 0.09 14.59
N LEU A 123 7.12 -0.29 15.78
CA LEU A 123 6.70 -1.52 16.48
C LEU A 123 5.43 -1.22 17.28
N THR A 124 4.38 -2.02 17.06
CA THR A 124 3.07 -1.95 17.77
C THR A 124 3.15 -2.87 18.99
N GLU A 125 2.14 -2.86 19.86
CA GLU A 125 2.13 -3.70 21.08
C GLU A 125 2.03 -5.18 20.70
N LYS A 126 1.18 -5.52 19.74
CA LYS A 126 0.74 -6.92 19.47
C LYS A 126 0.74 -7.32 17.98
N LYS A 127 0.79 -6.35 17.05
CA LYS A 127 0.47 -6.59 15.61
C LYS A 127 1.76 -6.83 14.81
N GLY A 128 2.92 -6.77 15.45
CA GLY A 128 4.22 -6.65 14.77
C GLY A 128 4.50 -5.18 14.48
N TRP A 129 5.15 -4.89 13.35
CA TRP A 129 5.45 -3.50 12.89
C TRP A 129 4.22 -2.90 12.20
N GLY A 130 4.18 -1.57 12.13
CA GLY A 130 3.06 -0.80 11.57
C GLY A 130 3.56 0.44 10.86
N LEU A 131 2.62 1.21 10.26
CA LEU A 131 2.90 2.54 9.67
C LEU A 131 2.22 3.63 10.52
N ARG A 132 2.91 4.76 10.74
CA ARG A 132 2.27 5.98 11.32
C ARG A 132 2.58 7.20 10.47
N ALA A 133 1.68 8.18 10.53
CA ALA A 133 1.78 9.49 9.86
C ALA A 133 2.85 10.32 10.59
N ALA A 134 3.84 10.84 9.86
CA ALA A 134 4.90 11.73 10.40
C ALA A 134 4.39 13.17 10.44
N LYS A 135 3.58 13.56 9.45
CA LYS A 135 2.84 14.85 9.35
C LYS A 135 1.34 14.58 9.33
N ASP A 136 0.53 15.62 9.50
CA ASP A 136 -0.95 15.55 9.36
C ASP A 136 -1.25 15.26 7.89
N LEU A 137 -1.86 14.13 7.57
CA LEU A 137 -2.29 13.81 6.18
C LEU A 137 -3.73 14.28 6.01
N PRO A 138 -4.01 15.17 5.04
CA PRO A 138 -5.39 15.42 4.62
C PRO A 138 -6.11 14.13 4.25
N SER A 139 -7.44 14.18 4.22
CA SER A 139 -8.30 13.17 3.55
C SER A 139 -7.86 13.01 2.09
N ASN A 140 -8.12 11.84 1.48
CA ASN A 140 -8.03 11.52 0.02
C ASN A 140 -6.60 11.65 -0.51
N THR A 141 -5.63 11.50 0.38
CA THR A 141 -4.17 11.56 0.12
C THR A 141 -3.64 10.16 -0.19
N PHE A 142 -2.92 10.02 -1.31
CA PHE A 142 -2.14 8.82 -1.64
C PHE A 142 -1.07 8.62 -0.56
N VAL A 143 -1.03 7.42 0.03
CA VAL A 143 -0.05 7.04 1.09
C VAL A 143 1.14 6.33 0.43
N LEU A 144 0.91 5.11 -0.10
CA LEU A 144 1.94 4.24 -0.70
C LEU A 144 1.29 3.26 -1.66
N GLU A 145 2.04 2.86 -2.68
CA GLU A 145 1.65 1.68 -3.49
C GLU A 145 1.97 0.43 -2.67
N TYR A 146 1.05 -0.54 -2.69
CA TYR A 146 1.32 -1.90 -2.15
C TYR A 146 1.94 -2.75 -3.26
N CYS A 147 3.23 -3.01 -3.14
CA CYS A 147 4.03 -3.72 -4.17
C CYS A 147 4.35 -5.13 -3.70
N GLY A 148 4.54 -6.05 -4.64
CA GLY A 148 5.01 -7.41 -4.33
C GLY A 148 5.16 -8.25 -5.56
N GLU A 149 5.26 -9.56 -5.35
CA GLU A 149 5.18 -10.58 -6.43
C GLU A 149 3.72 -10.79 -6.74
N VAL A 150 3.37 -10.80 -8.02
CA VAL A 150 1.97 -11.04 -8.46
C VAL A 150 1.83 -12.53 -8.80
N LEU A 151 0.97 -13.22 -8.04
CA LEU A 151 0.68 -14.66 -8.12
C LEU A 151 -0.68 -14.90 -8.81
N ASP A 152 -0.81 -16.05 -9.50
CA ASP A 152 -2.11 -16.59 -9.96
C ASP A 152 -2.71 -17.34 -8.76
N HIS A 153 -3.95 -17.82 -8.85
CA HIS A 153 -4.66 -18.45 -7.71
C HIS A 153 -3.90 -19.70 -7.24
N LYS A 154 -3.30 -20.46 -8.17
CA LYS A 154 -2.55 -21.72 -7.87
C LYS A 154 -1.29 -21.39 -7.08
N GLU A 155 -0.52 -20.40 -7.53
CA GLU A 155 0.72 -19.95 -6.86
C GLU A 155 0.34 -19.48 -5.44
N PHE A 156 -0.74 -18.71 -5.31
CA PHE A 156 -1.21 -18.21 -3.99
C PHE A 156 -1.45 -19.41 -3.07
N LYS A 157 -2.35 -20.30 -3.47
CA LYS A 157 -2.79 -21.43 -2.61
C LYS A 157 -1.55 -22.23 -2.19
N ALA A 158 -0.60 -22.47 -3.09
CA ALA A 158 0.68 -23.15 -2.78
C ALA A 158 1.35 -22.41 -1.61
N ARG A 159 1.61 -21.12 -1.80
CA ARG A 159 2.35 -20.27 -0.81
C ARG A 159 1.64 -20.22 0.54
N VAL A 160 0.31 -20.19 0.60
CA VAL A 160 -0.39 -20.06 1.91
C VAL A 160 -0.02 -21.26 2.78
N LYS A 161 0.02 -22.46 2.18
CA LYS A 161 0.31 -23.73 2.88
C LYS A 161 1.81 -23.76 3.18
N GLU A 162 2.65 -23.36 2.22
CA GLU A 162 4.10 -23.08 2.42
C GLU A 162 4.22 -22.28 3.74
N TYR A 163 3.59 -21.11 3.81
CA TYR A 163 3.76 -20.15 4.92
C TYR A 163 3.15 -20.70 6.20
N ALA A 164 2.00 -21.35 6.10
CA ALA A 164 1.31 -22.00 7.25
C ALA A 164 2.22 -23.09 7.82
N ARG A 165 2.66 -24.01 6.96
CA ARG A 165 3.64 -25.10 7.23
C ARG A 165 4.80 -24.51 8.04
N ASN A 166 5.40 -23.39 7.60
CA ASN A 166 6.57 -22.75 8.26
C ASN A 166 6.14 -22.00 9.54
N LYS A 167 4.85 -21.95 9.87
CA LYS A 167 4.33 -21.26 11.07
C LYS A 167 4.74 -19.79 11.00
N ASN A 168 4.55 -19.15 9.84
CA ASN A 168 4.77 -17.68 9.66
C ASN A 168 3.72 -16.95 10.49
N ILE A 169 4.16 -15.90 11.17
CA ILE A 169 3.30 -15.09 12.08
C ILE A 169 2.53 -14.06 11.26
N HIS A 170 3.14 -13.51 10.21
CA HIS A 170 2.55 -12.44 9.35
C HIS A 170 2.24 -12.95 7.92
N TYR A 171 1.24 -12.35 7.32
CA TYR A 171 0.77 -12.69 5.95
C TYR A 171 0.61 -11.36 5.19
N TYR A 172 0.96 -11.39 3.90
CA TYR A 172 1.23 -10.17 3.11
C TYR A 172 0.50 -10.22 1.76
N PHE A 173 -0.67 -10.84 1.71
CA PHE A 173 -1.40 -11.03 0.44
C PHE A 173 -2.45 -9.94 0.32
N MET A 174 -2.62 -9.44 -0.90
CA MET A 174 -3.64 -8.44 -1.26
C MET A 174 -4.23 -8.85 -2.60
N ALA A 175 -5.55 -8.88 -2.72
CA ALA A 175 -6.26 -9.24 -3.97
C ALA A 175 -6.11 -8.06 -4.92
N LEU A 176 -5.57 -8.31 -6.10
CA LEU A 176 -5.47 -7.30 -7.16
C LEU A 176 -6.65 -7.48 -8.13
N LYS A 177 -6.80 -8.67 -8.71
CA LYS A 177 -8.01 -9.01 -9.49
C LYS A 177 -8.11 -10.53 -9.63
N ASN A 178 -9.01 -10.98 -10.51
CA ASN A 178 -9.11 -12.38 -11.00
C ASN A 178 -7.70 -12.89 -11.30
N ASP A 179 -7.25 -13.88 -10.56
CA ASP A 179 -6.05 -14.68 -10.92
C ASP A 179 -4.80 -13.82 -10.73
N GLU A 180 -4.91 -12.74 -9.99
CA GLU A 180 -3.77 -11.85 -9.67
C GLU A 180 -3.91 -11.39 -8.21
N ILE A 181 -3.02 -11.90 -7.37
CA ILE A 181 -2.87 -11.59 -5.93
C ILE A 181 -1.43 -11.16 -5.67
N ILE A 182 -1.23 -9.97 -5.09
CA ILE A 182 0.12 -9.44 -4.74
C ILE A 182 0.56 -10.17 -3.48
N ASP A 183 1.79 -10.68 -3.46
CA ASP A 183 2.40 -11.33 -2.29
C ASP A 183 3.63 -10.50 -1.88
N ALA A 184 3.55 -9.85 -0.73
CA ALA A 184 4.58 -8.93 -0.21
C ALA A 184 5.45 -9.67 0.82
N THR A 185 5.39 -11.00 0.82
CA THR A 185 6.00 -11.79 1.91
C THR A 185 7.52 -11.69 1.79
N GLN A 186 8.08 -11.91 0.60
CA GLN A 186 9.56 -11.91 0.35
C GLN A 186 9.99 -10.58 -0.28
N LYS A 187 9.23 -10.08 -1.25
CA LYS A 187 9.52 -8.83 -2.00
C LYS A 187 8.36 -7.85 -1.82
N GLY A 188 8.68 -6.60 -1.50
CA GLY A 188 7.72 -5.49 -1.46
C GLY A 188 8.41 -4.20 -1.04
N ASN A 189 7.65 -3.28 -0.48
CA ASN A 189 8.13 -1.97 0.01
C ASN A 189 7.50 -1.76 1.39
N CYS A 190 7.42 -0.54 1.90
CA CYS A 190 7.03 -0.29 3.31
C CYS A 190 5.51 -0.25 3.44
N SER A 191 4.78 -0.30 2.33
CA SER A 191 3.30 -0.47 2.32
C SER A 191 2.89 -1.76 3.04
N ARG A 192 3.76 -2.76 3.08
CA ARG A 192 3.45 -4.08 3.68
C ARG A 192 3.39 -3.99 5.20
N PHE A 193 3.72 -2.84 5.80
CA PHE A 193 3.63 -2.66 7.27
C PHE A 193 2.25 -2.11 7.66
N MET A 194 1.41 -1.65 6.73
CA MET A 194 0.08 -1.13 7.10
C MET A 194 -0.75 -2.25 7.73
N ASN A 195 -1.21 -2.02 8.96
CA ASN A 195 -2.00 -2.99 9.76
C ASN A 195 -3.47 -2.78 9.49
N HIS A 196 -4.25 -3.85 9.63
CA HIS A 196 -5.73 -3.81 9.48
C HIS A 196 -6.39 -3.15 10.70
N SER A 197 -7.52 -2.47 10.49
CA SER A 197 -8.40 -2.01 11.58
C SER A 197 -9.85 -2.08 11.12
N CYS A 198 -10.68 -2.77 11.91
CA CYS A 198 -12.16 -2.79 11.84
C CYS A 198 -12.71 -1.37 11.70
N GLU A 199 -11.97 -0.36 12.16
CA GLU A 199 -12.38 1.06 12.19
C GLU A 199 -11.21 1.89 11.67
N PRO A 200 -10.98 1.89 10.33
CA PRO A 200 -9.75 2.38 9.74
C PRO A 200 -9.74 3.86 9.36
N ASN A 201 -8.56 4.37 8.96
CA ASN A 201 -8.38 5.78 8.48
C ASN A 201 -7.83 5.77 7.04
N CYS A 202 -7.71 4.60 6.42
CA CYS A 202 -7.28 4.45 5.00
C CYS A 202 -8.11 3.38 4.31
N GLU A 203 -8.13 3.44 2.97
CA GLU A 203 -8.75 2.45 2.07
C GLU A 203 -7.73 2.07 1.00
N THR A 204 -7.98 0.98 0.28
CA THR A 204 -7.26 0.67 -0.97
C THR A 204 -8.02 1.32 -2.12
N GLN A 205 -7.29 1.73 -3.15
CA GLN A 205 -7.82 2.15 -4.47
C GLN A 205 -6.98 1.43 -5.53
N LYS A 206 -7.66 0.86 -6.53
CA LYS A 206 -7.01 0.11 -7.62
C LYS A 206 -6.86 1.07 -8.79
N TRP A 207 -5.63 1.31 -9.22
CA TRP A 207 -5.30 2.32 -10.26
C TRP A 207 -4.60 1.62 -11.41
N THR A 208 -4.89 2.09 -12.64
CA THR A 208 -4.30 1.57 -13.89
C THR A 208 -3.19 2.51 -14.35
N VAL A 209 -2.03 1.93 -14.64
CA VAL A 209 -0.80 2.62 -15.06
C VAL A 209 -0.23 1.80 -16.21
N ASN A 210 -0.15 2.40 -17.40
CA ASN A 210 0.30 1.72 -18.63
C ASN A 210 -0.50 0.42 -18.82
N GLY A 211 -1.82 0.50 -18.70
CA GLY A 211 -2.74 -0.63 -18.91
C GLY A 211 -2.50 -1.77 -17.94
N GLN A 212 -1.82 -1.50 -16.82
CA GLN A 212 -1.53 -2.51 -15.77
C GLN A 212 -2.12 -2.02 -14.45
N LEU A 213 -2.90 -2.88 -13.78
CA LEU A 213 -3.66 -2.50 -12.56
C LEU A 213 -2.71 -2.60 -11.37
N ARG A 214 -2.69 -1.54 -10.55
CA ARG A 214 -1.95 -1.52 -9.27
C ARG A 214 -2.90 -1.13 -8.15
N VAL A 215 -2.43 -1.20 -6.92
CA VAL A 215 -3.26 -0.89 -5.73
C VAL A 215 -2.43 -0.05 -4.77
N GLY A 216 -3.07 0.95 -4.17
CA GLY A 216 -2.41 1.88 -3.24
C GLY A 216 -3.33 2.22 -2.10
N PHE A 217 -2.75 2.68 -1.00
CA PHE A 217 -3.50 3.12 0.20
C PHE A 217 -3.74 4.62 0.06
N PHE A 218 -4.95 5.03 0.41
CA PHE A 218 -5.44 6.42 0.43
C PHE A 218 -6.16 6.66 1.75
N THR A 219 -5.84 7.78 2.42
CA THR A 219 -6.57 8.26 3.62
C THR A 219 -8.03 8.52 3.22
N THR A 220 -8.94 8.10 4.09
CA THR A 220 -10.40 8.36 4.03
C THR A 220 -10.77 9.51 4.96
N LYS A 221 -9.80 10.09 5.69
CA LYS A 221 -10.02 11.26 6.58
C LYS A 221 -8.69 11.89 6.98
N LEU A 222 -8.74 12.97 7.78
CA LEU A 222 -7.54 13.70 8.26
C LEU A 222 -6.88 12.85 9.35
N VAL A 223 -5.62 12.46 9.13
CA VAL A 223 -4.85 11.55 10.02
C VAL A 223 -3.83 12.39 10.77
N PRO A 224 -4.02 12.64 12.08
CA PRO A 224 -3.13 13.51 12.84
C PRO A 224 -1.74 12.87 12.93
N SER A 225 -0.68 13.65 12.70
CA SER A 225 0.72 13.22 12.90
C SER A 225 0.81 12.39 14.19
N GLY A 226 1.66 11.36 14.18
CA GLY A 226 1.81 10.39 15.28
C GLY A 226 0.86 9.21 15.14
N SER A 227 -0.24 9.35 14.39
CA SER A 227 -1.33 8.34 14.25
C SER A 227 -0.88 7.16 13.38
N GLU A 228 -1.22 5.95 13.83
CA GLU A 228 -1.09 4.69 13.04
C GLU A 228 -2.07 4.75 11.88
N LEU A 229 -1.57 4.45 10.68
CA LEU A 229 -2.40 4.24 9.46
C LEU A 229 -2.91 2.79 9.45
N THR A 230 -4.20 2.64 9.18
CA THR A 230 -4.87 1.32 9.08
C THR A 230 -5.89 1.34 7.94
N PHE A 231 -6.21 0.16 7.42
CA PHE A 231 -7.29 -0.03 6.43
C PHE A 231 -8.06 -1.29 6.78
N ASP A 232 -9.24 -1.44 6.17
CA ASP A 232 -10.14 -2.59 6.38
C ASP A 232 -9.78 -3.69 5.37
N TYR A 233 -8.94 -4.62 5.78
CA TYR A 233 -8.46 -5.78 4.99
C TYR A 233 -9.65 -6.68 4.67
N GLN A 234 -10.09 -6.72 3.42
CA GLN A 234 -11.08 -7.69 2.88
C GLN A 234 -10.35 -8.71 2.02
N PHE A 235 -10.66 -9.99 2.20
CA PHE A 235 -9.97 -11.10 1.49
C PHE A 235 -10.75 -12.37 1.78
N GLN A 236 -11.12 -13.16 0.77
CA GLN A 236 -11.84 -14.45 0.98
C GLN A 236 -11.05 -15.26 2.01
N ARG A 237 -11.70 -15.78 3.06
CA ARG A 237 -11.00 -16.61 4.07
C ARG A 237 -10.58 -17.92 3.40
N TYR A 238 -9.52 -18.52 3.93
CA TYR A 238 -9.01 -19.86 3.57
C TYR A 238 -8.59 -20.56 4.86
N GLY A 239 -8.97 -21.84 4.99
CA GLY A 239 -8.64 -22.65 6.18
C GLY A 239 -9.52 -22.28 7.37
N LYS A 240 -9.10 -22.76 8.55
CA LYS A 240 -9.92 -22.81 9.79
C LYS A 240 -9.46 -21.67 10.73
N GLU A 241 -8.16 -21.61 11.05
CA GLU A 241 -7.62 -20.66 12.05
C GLU A 241 -7.34 -19.31 11.37
N ALA A 242 -8.36 -18.45 11.29
CA ALA A 242 -8.26 -16.99 11.04
C ALA A 242 -7.36 -16.33 12.11
N GLN A 243 -6.56 -15.34 11.74
CA GLN A 243 -5.79 -14.47 12.66
C GLN A 243 -6.76 -13.56 13.40
N LYS A 244 -6.56 -13.42 14.71
CA LYS A 244 -7.37 -12.54 15.59
C LYS A 244 -7.01 -11.09 15.29
N CYS A 245 -7.99 -10.21 15.35
CA CYS A 245 -7.77 -8.76 15.25
C CYS A 245 -7.47 -8.21 16.65
N PHE A 246 -6.49 -7.32 16.75
CA PHE A 246 -6.11 -6.58 17.98
C PHE A 246 -6.22 -5.06 17.71
N CYS A 247 -7.14 -4.65 16.82
CA CYS A 247 -7.26 -3.23 16.39
C CYS A 247 -7.66 -2.39 17.60
N GLY A 248 -8.43 -2.97 18.51
CA GLY A 248 -8.97 -2.28 19.70
C GLY A 248 -10.21 -1.46 19.38
N SER A 249 -10.78 -1.60 18.19
CA SER A 249 -11.98 -0.83 17.76
CA SER A 249 -11.99 -0.82 17.77
C SER A 249 -13.19 -1.26 18.60
N ALA A 250 -14.15 -0.34 18.77
CA ALA A 250 -15.47 -0.58 19.37
C ALA A 250 -16.14 -1.71 18.59
N ASN A 251 -16.09 -1.65 17.25
CA ASN A 251 -16.86 -2.54 16.34
C ASN A 251 -15.95 -3.66 15.81
N CYS A 252 -14.92 -4.05 16.55
CA CYS A 252 -13.94 -5.10 16.14
C CYS A 252 -14.70 -6.39 15.79
N ARG A 253 -14.44 -6.96 14.60
CA ARG A 253 -15.00 -8.26 14.15
C ARG A 253 -14.21 -9.42 14.77
N GLY A 254 -13.07 -9.14 15.41
CA GLY A 254 -12.29 -10.10 16.22
C GLY A 254 -11.32 -10.95 15.41
N TYR A 255 -11.36 -10.85 14.07
CA TYR A 255 -10.62 -11.73 13.13
C TYR A 255 -10.24 -10.92 11.89
N LEU A 256 -9.11 -11.25 11.25
CA LEU A 256 -8.64 -10.64 9.97
C LEU A 256 -9.09 -11.52 8.82
N GLY A 257 -9.61 -10.92 7.75
CA GLY A 257 -10.13 -11.63 6.56
C GLY A 257 -11.58 -11.30 6.26
N GLY A 258 -12.01 -11.55 5.02
CA GLY A 258 -13.31 -11.15 4.45
C GLY A 258 -14.42 -12.09 4.89
N GLU A 259 -14.09 -13.39 5.04
CA GLU A 259 -14.95 -14.44 5.64
C GLU A 259 -16.31 -14.47 4.92
#